data_1SFN
#
_entry.id   1SFN
#
_cell.length_a   109.370
_cell.length_b   109.370
_cell.length_c   95.408
_cell.angle_alpha   90.00
_cell.angle_beta   90.00
_cell.angle_gamma   90.00
#
_symmetry.space_group_name_H-M   'P 4 21 2'
#
loop_
_entity.id
_entity.type
_entity.pdbx_description
1 polymer 'conserved hypothetical protein'
2 water water
#
_entity_poly.entity_id   1
_entity_poly.type   'polypeptide(L)'
_entity_poly.pdbx_seq_one_letter_code
;MKHLGQTRSALHGSHAVITPETFVRTALAEWPGSAIVLHIAPVVGLGARFVQFTAEMPAGAQATESVYQRFAFVLSGEVD
VAVGGETRTLREYDYVYLPAGEKHMLTAKTDARVSVFEKPYQTVEGVQAPGVYWGNERENPGYPFEGDDHLIARKLLPDE
PAFDFMVSTMSFAPGASLPYAEVHYMEHGLLMLEGEGLYKLEENYYPVTAGDIIWMGAHCPQWYGALGRNWSKYLLYKDM
NRHPLG
;
_entity_poly.pdbx_strand_id   A,B
#
# COMPACT_ATOMS: atom_id res chain seq x y z
N MET A 1 7.21 -22.15 1.45
CA MET A 1 7.45 -22.86 0.15
C MET A 1 8.78 -22.50 -0.52
N LYS A 2 9.71 -21.96 0.25
CA LYS A 2 11.01 -21.57 -0.26
C LYS A 2 11.75 -22.68 -1.01
N HIS A 3 11.61 -23.91 -0.53
CA HIS A 3 12.30 -25.07 -1.13
C HIS A 3 11.74 -25.49 -2.50
N LEU A 4 10.65 -24.85 -2.92
CA LEU A 4 10.05 -25.12 -4.22
C LEU A 4 10.20 -23.89 -5.13
N GLY A 5 11.10 -22.97 -4.74
CA GLY A 5 11.36 -21.79 -5.54
C GLY A 5 10.65 -20.48 -5.25
N GLN A 6 9.72 -20.46 -4.30
CA GLN A 6 8.98 -19.25 -3.96
C GLN A 6 9.85 -18.24 -3.20
N THR A 7 9.72 -16.95 -3.54
CA THR A 7 10.45 -15.84 -2.90
C THR A 7 9.78 -14.51 -3.21
N ARG A 8 10.23 -13.46 -2.53
CA ARG A 8 9.68 -12.14 -2.78
C ARG A 8 10.76 -11.34 -3.50
N SER A 9 11.87 -12.01 -3.77
CA SER A 9 12.99 -11.39 -4.47
C SER A 9 12.73 -11.30 -5.96
N ALA A 10 13.44 -10.39 -6.62
CA ALA A 10 13.30 -10.19 -8.05
C ALA A 10 14.50 -9.41 -8.59
N LEU A 11 14.90 -9.74 -9.81
CA LEU A 11 16.02 -9.07 -10.45
C LEU A 11 15.54 -8.51 -11.79
N HIS A 12 15.84 -7.24 -12.03
CA HIS A 12 15.47 -6.59 -13.27
C HIS A 12 16.60 -5.70 -13.76
N GLY A 13 16.46 -5.18 -14.98
CA GLY A 13 17.49 -4.34 -15.54
C GLY A 13 17.85 -3.19 -14.64
N SER A 14 16.84 -2.46 -14.15
CA SER A 14 17.10 -1.29 -13.32
C SER A 14 16.67 -1.35 -11.84
N HIS A 15 16.44 -2.54 -11.30
CA HIS A 15 16.09 -2.66 -9.89
C HIS A 15 16.04 -4.11 -9.41
N ALA A 16 16.19 -4.30 -8.10
CA ALA A 16 16.17 -5.63 -7.52
C ALA A 16 15.68 -5.57 -6.09
N VAL A 17 14.87 -6.55 -5.71
CA VAL A 17 14.32 -6.68 -4.36
C VAL A 17 14.99 -7.94 -3.80
N ILE A 18 15.87 -7.76 -2.83
CA ILE A 18 16.63 -8.86 -2.25
C ILE A 18 16.18 -9.16 -0.81
N THR A 19 15.56 -10.32 -0.65
CA THR A 19 15.03 -10.75 0.63
C THR A 19 15.90 -11.79 1.36
N PRO A 20 15.87 -11.83 2.70
CA PRO A 20 16.65 -12.74 3.53
C PRO A 20 16.76 -14.23 3.21
N GLU A 21 15.67 -14.91 2.86
CA GLU A 21 15.81 -16.34 2.58
C GLU A 21 16.70 -16.69 1.39
N THR A 22 16.96 -15.71 0.53
CA THR A 22 17.81 -15.91 -0.65
C THR A 22 19.29 -15.59 -0.37
N PHE A 23 19.57 -15.00 0.78
CA PHE A 23 20.93 -14.62 1.17
C PHE A 23 21.94 -15.76 1.03
N VAL A 24 23.16 -15.41 0.65
CA VAL A 24 24.23 -16.39 0.54
C VAL A 24 25.44 -15.78 1.23
N ARG A 25 26.01 -16.50 2.19
CA ARG A 25 27.16 -16.00 2.92
C ARG A 25 28.50 -16.27 2.23
N THR A 26 29.26 -15.21 1.99
CA THR A 26 30.59 -15.34 1.39
C THR A 26 31.55 -14.65 2.35
N ALA A 27 32.77 -14.39 1.90
CA ALA A 27 33.72 -13.75 2.79
C ALA A 27 34.55 -12.68 2.09
N LEU A 28 35.14 -11.80 2.90
CA LEU A 28 35.98 -10.71 2.41
C LEU A 28 37.32 -10.74 3.13
N ALA A 29 38.38 -10.49 2.36
CA ALA A 29 39.75 -10.48 2.88
C ALA A 29 39.93 -9.59 4.11
N GLU A 30 39.37 -8.39 4.09
CA GLU A 30 39.50 -7.50 5.23
C GLU A 30 38.56 -7.79 6.40
N TRP A 31 37.68 -8.79 6.26
CA TRP A 31 36.76 -9.15 7.34
C TRP A 31 36.96 -10.59 7.81
N PRO A 32 38.20 -10.94 8.22
CA PRO A 32 38.47 -12.30 8.68
C PRO A 32 37.62 -12.73 9.87
N GLY A 33 37.06 -13.94 9.77
CA GLY A 33 36.21 -14.44 10.84
C GLY A 33 34.75 -14.06 10.73
N SER A 34 34.43 -13.07 9.89
CA SER A 34 33.04 -12.64 9.74
C SER A 34 32.37 -13.25 8.50
N ALA A 35 31.04 -13.34 8.54
CA ALA A 35 30.29 -13.86 7.42
C ALA A 35 29.79 -12.64 6.66
N ILE A 36 29.92 -12.66 5.34
CA ILE A 36 29.51 -11.52 4.53
C ILE A 36 28.39 -11.88 3.57
N VAL A 37 27.35 -11.05 3.58
CA VAL A 37 26.21 -11.22 2.70
C VAL A 37 26.22 -10.01 1.80
N LEU A 38 26.87 -10.16 0.65
CA LEU A 38 27.00 -9.08 -0.34
C LEU A 38 25.73 -8.94 -1.16
N HIS A 39 24.89 -7.97 -0.80
CA HIS A 39 23.62 -7.76 -1.48
C HIS A 39 23.69 -7.04 -2.85
N ILE A 40 24.43 -5.94 -2.94
CA ILE A 40 24.55 -5.21 -4.21
C ILE A 40 26.00 -5.09 -4.62
N ALA A 41 26.33 -5.59 -5.80
CA ALA A 41 27.68 -5.50 -6.33
C ALA A 41 27.61 -4.76 -7.66
N PRO A 42 28.71 -4.14 -8.08
CA PRO A 42 28.72 -3.41 -9.36
C PRO A 42 28.03 -4.17 -10.49
N VAL A 43 28.03 -5.50 -10.41
CA VAL A 43 27.45 -6.36 -11.45
C VAL A 43 25.92 -6.58 -11.49
N VAL A 44 25.13 -5.82 -10.72
CA VAL A 44 23.66 -5.98 -10.76
C VAL A 44 23.09 -5.38 -12.03
N GLY A 45 22.11 -6.07 -12.60
CA GLY A 45 21.46 -5.61 -13.82
C GLY A 45 22.30 -4.79 -14.79
N LEU A 46 21.85 -3.56 -15.04
CA LEU A 46 22.52 -2.64 -15.96
C LEU A 46 23.74 -1.93 -15.38
N GLY A 47 24.01 -2.14 -14.10
CA GLY A 47 25.17 -1.52 -13.49
C GLY A 47 24.99 -0.75 -12.21
N ALA A 48 25.97 -0.87 -11.32
CA ALA A 48 25.98 -0.19 -10.04
C ALA A 48 27.44 0.23 -9.80
N ARG A 49 27.63 1.33 -9.07
CA ARG A 49 28.99 1.82 -8.81
C ARG A 49 29.39 1.82 -7.33
N PHE A 50 28.93 0.82 -6.60
CA PHE A 50 29.26 0.69 -5.18
C PHE A 50 28.89 -0.72 -4.74
N VAL A 51 29.06 -1.01 -3.45
CA VAL A 51 28.66 -2.31 -2.90
C VAL A 51 27.96 -2.08 -1.58
N GLN A 52 26.97 -2.91 -1.31
CA GLN A 52 26.24 -2.84 -0.06
C GLN A 52 26.22 -4.28 0.43
N PHE A 53 26.62 -4.48 1.68
CA PHE A 53 26.62 -5.82 2.24
C PHE A 53 26.45 -5.70 3.73
N THR A 54 26.08 -6.79 4.37
CA THR A 54 25.95 -6.75 5.80
C THR A 54 26.97 -7.75 6.30
N ALA A 55 27.70 -7.33 7.33
CA ALA A 55 28.72 -8.18 7.92
C ALA A 55 28.14 -8.73 9.21
N GLU A 56 28.09 -10.05 9.32
CA GLU A 56 27.58 -10.70 10.52
C GLU A 56 28.86 -11.06 11.26
N MET A 57 29.19 -10.23 12.25
CA MET A 57 30.41 -10.41 13.03
C MET A 57 30.27 -11.15 14.36
N PRO A 58 30.97 -12.30 14.51
CA PRO A 58 30.91 -13.08 15.75
C PRO A 58 31.75 -12.30 16.77
N ALA A 59 31.36 -12.36 18.03
CA ALA A 59 32.08 -11.64 19.08
C ALA A 59 33.60 -11.92 18.99
N GLY A 60 34.39 -10.86 19.04
CA GLY A 60 35.84 -11.00 18.99
C GLY A 60 36.46 -10.81 17.62
N ALA A 61 35.67 -11.00 16.57
CA ALA A 61 36.18 -10.86 15.20
C ALA A 61 36.64 -9.44 14.92
N GLN A 62 37.67 -9.32 14.08
CA GLN A 62 38.20 -8.02 13.72
C GLN A 62 38.10 -7.82 12.22
N ALA A 63 37.87 -6.59 11.81
CA ALA A 63 37.78 -6.24 10.39
C ALA A 63 38.63 -4.99 10.24
N THR A 64 39.45 -4.93 9.19
CA THR A 64 40.30 -3.75 8.98
C THR A 64 39.90 -2.97 7.73
N GLU A 65 40.67 -1.95 7.38
CA GLU A 65 40.36 -1.11 6.22
C GLU A 65 40.48 -1.77 4.87
N SER A 66 39.70 -1.25 3.93
CA SER A 66 39.76 -1.72 2.57
C SER A 66 40.34 -0.51 1.83
N VAL A 67 40.37 -0.57 0.51
CA VAL A 67 40.91 0.51 -0.29
C VAL A 67 39.84 1.58 -0.57
N TYR A 68 38.61 1.32 -0.14
CA TYR A 68 37.51 2.25 -0.41
C TYR A 68 36.95 2.99 0.79
N GLN A 69 36.02 3.90 0.49
CA GLN A 69 35.33 4.65 1.51
C GLN A 69 34.44 3.62 2.18
N ARG A 70 34.27 3.73 3.48
CA ARG A 70 33.45 2.78 4.19
C ARG A 70 32.47 3.43 5.15
N PHE A 71 31.19 3.13 4.97
CA PHE A 71 30.13 3.63 5.84
C PHE A 71 29.54 2.42 6.55
N ALA A 72 29.73 2.36 7.87
CA ALA A 72 29.23 1.25 8.65
C ALA A 72 28.14 1.70 9.62
N PHE A 73 27.02 1.01 9.57
CA PHE A 73 25.86 1.32 10.37
C PHE A 73 25.57 0.05 11.18
N VAL A 74 25.61 0.15 12.51
CA VAL A 74 25.37 -1.01 13.36
C VAL A 74 23.89 -1.32 13.49
N LEU A 75 23.50 -2.53 13.09
CA LEU A 75 22.10 -2.95 13.17
C LEU A 75 21.82 -3.62 14.51
N SER A 76 22.81 -4.34 15.02
CA SER A 76 22.69 -5.01 16.31
C SER A 76 24.07 -5.31 16.92
N GLY A 77 24.08 -5.56 18.22
CA GLY A 77 25.33 -5.85 18.91
C GLY A 77 26.14 -4.59 19.22
N GLU A 78 27.42 -4.77 19.51
CA GLU A 78 28.31 -3.66 19.83
C GLU A 78 29.61 -3.79 19.08
N VAL A 79 30.02 -2.71 18.41
CA VAL A 79 31.24 -2.74 17.64
C VAL A 79 32.18 -1.59 17.97
N ASP A 80 33.41 -1.91 18.35
CA ASP A 80 34.40 -0.87 18.64
C ASP A 80 35.07 -0.48 17.33
N VAL A 81 35.09 0.82 17.04
CA VAL A 81 35.74 1.32 15.83
C VAL A 81 36.99 2.06 16.26
N ALA A 82 38.15 1.50 15.92
CA ALA A 82 39.41 2.12 16.30
C ALA A 82 40.11 2.79 15.12
N VAL A 83 40.16 4.13 15.15
CA VAL A 83 40.82 4.90 14.11
C VAL A 83 42.18 5.32 14.67
N GLY A 84 42.65 6.49 14.27
CA GLY A 84 43.94 6.97 14.76
C GLY A 84 43.92 7.51 16.18
N GLY A 85 44.59 6.79 17.07
CA GLY A 85 44.64 7.22 18.47
C GLY A 85 43.32 7.06 19.21
N GLU A 86 42.23 7.47 18.59
CA GLU A 86 40.90 7.37 19.19
C GLU A 86 40.11 6.15 18.73
N THR A 87 39.30 5.60 19.62
CA THR A 87 38.44 4.46 19.29
C THR A 87 37.14 4.58 20.10
N ARG A 88 36.00 4.32 19.45
CA ARG A 88 34.69 4.41 20.10
C ARG A 88 33.88 3.12 19.97
N THR A 89 32.99 2.89 20.93
CA THR A 89 32.18 1.69 20.88
C THR A 89 30.79 2.05 20.36
N LEU A 90 30.49 1.51 19.17
CA LEU A 90 29.22 1.77 18.52
C LEU A 90 28.16 0.73 18.85
N ARG A 91 26.94 1.21 19.06
CA ARG A 91 25.81 0.34 19.35
C ARG A 91 24.75 0.52 18.25
N GLU A 92 23.57 -0.03 18.46
CA GLU A 92 22.49 0.06 17.48
C GLU A 92 22.23 1.46 16.92
N TYR A 93 22.25 1.56 15.61
CA TYR A 93 22.02 2.82 14.90
C TYR A 93 23.12 3.86 15.01
N ASP A 94 24.30 3.44 15.47
CA ASP A 94 25.44 4.35 15.52
C ASP A 94 26.11 4.05 14.19
N TYR A 95 26.85 4.99 13.64
CA TYR A 95 27.53 4.73 12.39
C TYR A 95 28.80 5.52 12.28
N VAL A 96 29.62 5.16 11.30
CA VAL A 96 30.87 5.85 11.05
C VAL A 96 31.15 5.93 9.56
N TYR A 97 31.73 7.04 9.13
CA TYR A 97 32.12 7.19 7.73
C TYR A 97 33.65 7.25 7.80
N LEU A 98 34.30 6.40 7.01
CA LEU A 98 35.75 6.33 7.00
C LEU A 98 36.26 6.64 5.60
N PRO A 99 37.14 7.64 5.47
CA PRO A 99 37.69 8.00 4.17
C PRO A 99 38.34 6.79 3.55
N ALA A 100 38.47 6.80 2.23
CA ALA A 100 39.11 5.70 1.52
C ALA A 100 40.55 5.58 2.03
N GLY A 101 40.93 4.37 2.46
CA GLY A 101 42.28 4.17 2.93
C GLY A 101 42.53 4.42 4.41
N GLU A 102 41.68 5.21 5.06
CA GLU A 102 41.85 5.49 6.49
C GLU A 102 42.12 4.20 7.21
N LYS A 103 43.25 4.13 7.91
CA LYS A 103 43.59 2.93 8.65
C LYS A 103 42.64 2.84 9.83
N HIS A 104 42.09 1.65 10.07
CA HIS A 104 41.15 1.47 11.17
C HIS A 104 40.84 -0.01 11.40
N MET A 105 40.19 -0.28 12.53
CA MET A 105 39.80 -1.64 12.86
C MET A 105 38.43 -1.66 13.51
N LEU A 106 37.67 -2.70 13.20
CA LEU A 106 36.33 -2.87 13.75
C LEU A 106 36.36 -4.17 14.53
N THR A 107 36.03 -4.10 15.81
CA THR A 107 36.02 -5.29 16.63
C THR A 107 34.64 -5.49 17.20
N ALA A 108 34.13 -6.70 17.05
CA ALA A 108 32.81 -7.03 17.56
C ALA A 108 32.97 -7.35 19.05
N LYS A 109 32.42 -6.51 19.90
CA LYS A 109 32.47 -6.72 21.35
C LYS A 109 31.49 -7.83 21.71
N THR A 110 30.52 -8.02 20.84
CA THR A 110 29.50 -9.04 21.01
C THR A 110 28.98 -9.37 19.61
N ASP A 111 28.40 -10.56 19.43
CA ASP A 111 27.87 -10.94 18.12
C ASP A 111 27.12 -9.73 17.57
N ALA A 112 27.51 -9.26 16.38
CA ALA A 112 26.86 -8.09 15.79
C ALA A 112 26.59 -8.19 14.30
N ARG A 113 25.75 -7.28 13.82
CA ARG A 113 25.43 -7.20 12.42
C ARG A 113 25.63 -5.75 12.03
N VAL A 114 26.38 -5.55 10.95
CA VAL A 114 26.70 -4.20 10.50
C VAL A 114 26.39 -4.02 9.02
N SER A 115 25.69 -2.95 8.70
CA SER A 115 25.33 -2.64 7.33
C SER A 115 26.47 -1.81 6.79
N VAL A 116 27.01 -2.19 5.65
CA VAL A 116 28.14 -1.47 5.09
C VAL A 116 27.98 -1.06 3.63
N PHE A 117 28.36 0.17 3.33
CA PHE A 117 28.35 0.67 1.95
C PHE A 117 29.83 0.94 1.67
N GLU A 118 30.34 0.48 0.55
CA GLU A 118 31.74 0.76 0.22
C GLU A 118 31.79 1.32 -1.18
N LYS A 119 32.48 2.43 -1.32
CA LYS A 119 32.57 3.10 -2.60
C LYS A 119 33.92 3.77 -2.79
N PRO A 120 34.41 3.82 -4.04
CA PRO A 120 35.70 4.46 -4.29
C PRO A 120 35.41 5.96 -4.22
N TYR A 121 36.42 6.78 -3.95
CA TYR A 121 36.19 8.22 -3.83
C TYR A 121 36.50 8.99 -5.12
N GLN A 122 35.55 9.82 -5.56
CA GLN A 122 35.72 10.64 -6.77
C GLN A 122 36.23 12.00 -6.36
N THR A 123 37.55 12.15 -6.28
CA THR A 123 38.15 13.42 -5.88
C THR A 123 37.74 14.58 -6.79
N VAL A 124 37.90 15.79 -6.28
CA VAL A 124 37.60 17.01 -7.03
C VAL A 124 38.83 17.88 -6.90
N GLU A 125 39.38 18.29 -8.04
CA GLU A 125 40.59 19.10 -8.11
C GLU A 125 40.89 20.01 -6.91
N GLY A 126 39.98 20.93 -6.58
CA GLY A 126 40.24 21.83 -5.47
C GLY A 126 39.60 21.52 -4.13
N VAL A 127 39.00 20.35 -4.00
CA VAL A 127 38.34 19.97 -2.74
C VAL A 127 39.07 18.88 -1.98
N GLN A 128 39.23 19.10 -0.68
CA GLN A 128 39.90 18.12 0.17
C GLN A 128 38.88 17.12 0.68
N ALA A 129 39.25 15.85 0.65
CA ALA A 129 38.37 14.79 1.11
C ALA A 129 37.97 14.96 2.56
N PRO A 130 36.71 14.64 2.89
CA PRO A 130 36.22 14.76 4.26
C PRO A 130 36.88 13.76 5.20
N GLY A 131 37.02 14.14 6.46
CA GLY A 131 37.63 13.26 7.42
C GLY A 131 36.62 12.30 8.00
N VAL A 132 37.04 11.52 8.99
CA VAL A 132 36.17 10.56 9.64
C VAL A 132 34.96 11.30 10.20
N TYR A 133 33.80 10.67 10.14
CA TYR A 133 32.57 11.27 10.65
C TYR A 133 31.76 10.24 11.43
N TRP A 134 31.36 10.60 12.65
CA TRP A 134 30.58 9.70 13.51
C TRP A 134 29.16 10.23 13.65
N GLY A 135 28.23 9.36 14.01
CA GLY A 135 26.86 9.80 14.18
C GLY A 135 25.93 8.71 14.67
N ASN A 136 24.75 9.13 15.13
CA ASN A 136 23.72 8.23 15.61
C ASN A 136 22.43 8.63 14.93
N GLU A 137 21.73 7.65 14.35
CA GLU A 137 20.49 7.89 13.64
C GLU A 137 19.41 8.56 14.48
N ARG A 138 19.22 8.07 15.71
CA ARG A 138 18.19 8.60 16.59
C ARG A 138 18.40 10.01 17.16
N GLU A 139 19.66 10.41 17.36
CA GLU A 139 19.94 11.76 17.89
C GLU A 139 19.55 12.78 16.84
N ASN A 140 19.62 12.37 15.58
CA ASN A 140 19.30 13.24 14.45
C ASN A 140 17.81 13.57 14.38
N PRO A 141 17.46 14.84 14.55
CA PRO A 141 16.05 15.27 14.49
C PRO A 141 15.77 15.60 13.03
N GLY A 142 15.41 14.59 12.25
CA GLY A 142 15.16 14.80 10.83
C GLY A 142 14.27 15.98 10.48
N TYR A 143 13.96 16.10 9.20
CA TYR A 143 13.08 17.18 8.76
C TYR A 143 11.89 16.56 8.03
N PRO A 144 10.73 17.23 8.04
CA PRO A 144 9.53 16.71 7.36
C PRO A 144 9.91 16.70 5.89
N PHE A 145 9.97 15.51 5.28
CA PHE A 145 10.42 15.39 3.90
C PHE A 145 10.10 16.59 3.02
N GLU A 146 8.89 16.68 2.51
CA GLU A 146 8.54 17.85 1.70
C GLU A 146 7.41 18.56 2.42
N GLY A 147 7.65 18.83 3.71
CA GLY A 147 6.68 19.49 4.54
C GLY A 147 5.85 18.49 5.33
N ASP A 148 5.95 17.22 4.96
CA ASP A 148 5.19 16.16 5.62
C ASP A 148 5.80 15.69 6.94
N ASP A 149 5.05 15.84 8.02
CA ASP A 149 5.51 15.44 9.35
C ASP A 149 5.33 13.96 9.63
N HIS A 150 4.80 13.21 8.66
CA HIS A 150 4.64 11.77 8.82
C HIS A 150 5.69 11.03 8.00
N LEU A 151 6.61 11.81 7.42
CA LEU A 151 7.70 11.29 6.62
C LEU A 151 8.96 12.05 7.06
N ILE A 152 9.65 11.54 8.05
CA ILE A 152 10.85 12.19 8.55
C ILE A 152 12.11 11.69 7.88
N ALA A 153 12.87 12.63 7.31
CA ALA A 153 14.11 12.30 6.64
C ALA A 153 15.26 12.72 7.53
N ARG A 154 16.30 11.91 7.58
CA ARG A 154 17.46 12.22 8.40
C ARG A 154 18.72 12.01 7.58
N LYS A 155 19.43 13.09 7.28
CA LYS A 155 20.65 13.00 6.52
C LYS A 155 21.72 12.60 7.52
N LEU A 156 22.32 11.44 7.31
CA LEU A 156 23.32 10.95 8.24
C LEU A 156 24.72 11.49 7.98
N LEU A 157 24.95 12.04 6.79
CA LEU A 157 26.27 12.61 6.46
C LEU A 157 26.14 14.08 6.06
N PRO A 158 27.19 14.87 6.31
CA PRO A 158 27.16 16.29 5.96
C PRO A 158 26.77 16.46 4.49
N ASP A 159 25.83 17.35 4.24
CA ASP A 159 25.36 17.61 2.88
C ASP A 159 26.32 18.64 2.29
N GLU A 160 27.51 18.17 1.92
CA GLU A 160 28.53 19.06 1.38
C GLU A 160 29.23 18.46 0.15
N PRO A 161 29.53 19.32 -0.84
CA PRO A 161 30.20 18.92 -2.09
C PRO A 161 31.46 18.09 -1.96
N ALA A 162 32.14 18.13 -0.82
CA ALA A 162 33.35 17.34 -0.65
C ALA A 162 32.97 15.85 -0.63
N PHE A 163 31.77 15.56 -0.15
CA PHE A 163 31.30 14.19 -0.05
C PHE A 163 30.90 13.59 -1.39
N ASP A 164 31.19 12.30 -1.50
CA ASP A 164 30.95 11.48 -2.66
C ASP A 164 29.52 10.97 -2.70
N PHE A 165 28.96 10.75 -1.52
CA PHE A 165 27.61 10.23 -1.44
C PHE A 165 26.90 10.71 -0.19
N MET A 166 25.71 10.16 0.01
CA MET A 166 24.90 10.48 1.16
C MET A 166 24.21 9.21 1.63
N VAL A 167 23.98 9.14 2.93
CA VAL A 167 23.27 8.02 3.52
C VAL A 167 22.26 8.69 4.42
N SER A 168 20.99 8.32 4.29
CA SER A 168 19.95 8.92 5.11
C SER A 168 18.92 7.86 5.43
N THR A 169 17.99 8.19 6.32
CA THR A 169 16.92 7.27 6.67
C THR A 169 15.60 7.98 6.37
N MET A 170 14.60 7.19 6.02
CA MET A 170 13.27 7.74 5.77
C MET A 170 12.35 6.98 6.69
N SER A 171 11.58 7.71 7.48
CA SER A 171 10.65 7.09 8.41
C SER A 171 9.24 7.49 8.03
N PHE A 172 8.38 6.49 7.88
CA PHE A 172 6.99 6.74 7.49
C PHE A 172 6.00 6.24 8.54
N ALA A 173 5.09 7.12 8.96
CA ALA A 173 4.07 6.70 9.90
C ALA A 173 3.15 5.77 9.10
N PRO A 174 2.39 4.89 9.77
CA PRO A 174 1.49 3.99 9.04
C PRO A 174 0.55 4.78 8.11
N GLY A 175 0.53 4.40 6.83
CA GLY A 175 -0.32 5.09 5.88
C GLY A 175 0.38 6.23 5.16
N ALA A 176 1.58 6.60 5.61
CA ALA A 176 2.32 7.68 4.99
C ALA A 176 3.02 7.14 3.74
N SER A 177 3.36 8.03 2.81
CA SER A 177 3.98 7.60 1.58
C SER A 177 4.74 8.72 0.88
N LEU A 178 5.73 8.36 0.06
CA LEU A 178 6.46 9.38 -0.67
C LEU A 178 5.42 10.20 -1.41
N PRO A 179 5.61 11.52 -1.50
CA PRO A 179 4.68 12.42 -2.16
C PRO A 179 4.42 12.09 -3.63
N TYR A 180 5.41 11.48 -4.28
CA TYR A 180 5.28 11.15 -5.70
C TYR A 180 6.32 10.11 -6.09
N ALA A 181 6.18 9.54 -7.29
CA ALA A 181 7.16 8.58 -7.75
C ALA A 181 8.40 9.39 -8.13
N GLU A 182 9.56 9.02 -7.58
CA GLU A 182 10.78 9.74 -7.91
C GLU A 182 11.45 9.13 -9.12
N VAL A 183 12.10 9.99 -9.91
CA VAL A 183 12.85 9.57 -11.08
C VAL A 183 14.02 10.53 -11.11
N HIS A 184 15.19 10.04 -10.73
CA HIS A 184 16.40 10.85 -10.72
C HIS A 184 17.61 10.02 -11.11
N TYR A 185 18.67 10.68 -11.57
CA TYR A 185 19.89 10.01 -12.03
C TYR A 185 20.69 9.26 -10.95
N MET A 186 20.47 9.58 -9.68
CA MET A 186 21.18 8.91 -8.59
C MET A 186 20.62 7.50 -8.40
N GLU A 187 21.51 6.53 -8.24
CA GLU A 187 21.06 5.16 -8.02
C GLU A 187 20.92 4.99 -6.52
N HIS A 188 20.07 4.06 -6.10
CA HIS A 188 19.84 3.83 -4.68
C HIS A 188 20.27 2.44 -4.22
N GLY A 189 20.52 2.37 -2.92
CA GLY A 189 20.87 1.12 -2.29
C GLY A 189 20.13 1.25 -0.98
N LEU A 190 19.19 0.35 -0.67
CA LEU A 190 18.48 0.47 0.60
C LEU A 190 18.29 -0.81 1.39
N LEU A 191 18.12 -0.61 2.69
CA LEU A 191 17.90 -1.68 3.63
C LEU A 191 16.68 -1.32 4.44
N MET A 192 15.71 -2.22 4.53
CA MET A 192 14.53 -1.94 5.31
C MET A 192 14.92 -2.19 6.77
N LEU A 193 14.84 -1.14 7.59
CA LEU A 193 15.20 -1.26 9.00
C LEU A 193 14.03 -1.63 9.89
N GLU A 194 12.92 -0.92 9.74
CA GLU A 194 11.73 -1.16 10.55
C GLU A 194 10.44 -1.10 9.73
N GLY A 195 9.45 -1.88 10.13
CA GLY A 195 8.17 -1.85 9.44
C GLY A 195 8.00 -2.65 8.16
N GLU A 196 6.94 -2.33 7.44
CA GLU A 196 6.62 -3.02 6.20
C GLU A 196 5.71 -2.14 5.32
N GLY A 197 5.57 -2.55 4.06
CA GLY A 197 4.74 -1.81 3.13
C GLY A 197 4.90 -2.30 1.70
N LEU A 198 4.47 -1.48 0.76
CA LEU A 198 4.57 -1.83 -0.64
C LEU A 198 5.50 -0.85 -1.32
N TYR A 199 6.50 -1.38 -2.00
CA TYR A 199 7.44 -0.53 -2.70
C TYR A 199 7.22 -0.65 -4.19
N LYS A 200 6.97 0.48 -4.85
CA LYS A 200 6.79 0.45 -6.30
C LYS A 200 8.10 0.80 -6.99
N LEU A 201 8.46 -0.01 -7.98
CA LEU A 201 9.68 0.16 -8.75
C LEU A 201 9.24 -0.11 -10.20
N GLU A 202 9.42 0.88 -11.08
CA GLU A 202 8.98 0.77 -12.45
C GLU A 202 7.46 0.47 -12.44
N GLU A 203 7.03 -0.59 -13.10
CA GLU A 203 5.61 -0.96 -13.17
C GLU A 203 5.08 -1.86 -12.05
N ASN A 204 5.97 -2.42 -11.25
CA ASN A 204 5.54 -3.34 -10.20
C ASN A 204 5.57 -2.84 -8.75
N TYR A 205 4.68 -3.41 -7.94
CA TYR A 205 4.59 -3.11 -6.51
C TYR A 205 5.14 -4.34 -5.81
N TYR A 206 5.93 -4.15 -4.76
CA TYR A 206 6.51 -5.27 -4.04
C TYR A 206 6.27 -5.22 -2.54
N PRO A 207 5.78 -6.32 -1.95
CA PRO A 207 5.57 -6.24 -0.50
C PRO A 207 6.95 -6.42 0.14
N VAL A 208 7.33 -5.50 1.05
CA VAL A 208 8.63 -5.57 1.70
C VAL A 208 8.55 -5.34 3.22
N THR A 209 9.54 -5.88 3.95
CA THR A 209 9.63 -5.75 5.40
C THR A 209 11.07 -5.50 5.84
N ALA A 210 11.19 -5.20 7.13
CA ALA A 210 12.47 -4.96 7.75
C ALA A 210 13.35 -6.16 7.39
N GLY A 211 14.55 -5.89 6.89
CA GLY A 211 15.46 -6.96 6.52
C GLY A 211 15.71 -7.01 5.03
N ASP A 212 14.76 -6.52 4.25
CA ASP A 212 14.90 -6.54 2.80
C ASP A 212 15.87 -5.48 2.29
N ILE A 213 16.52 -5.77 1.16
CA ILE A 213 17.43 -4.85 0.52
C ILE A 213 16.84 -4.55 -0.86
N ILE A 214 17.01 -3.33 -1.34
CA ILE A 214 16.50 -2.94 -2.66
C ILE A 214 17.55 -2.16 -3.46
N TRP A 215 17.75 -2.56 -4.71
CA TRP A 215 18.66 -1.84 -5.58
C TRP A 215 17.79 -1.07 -6.58
N MET A 216 17.99 0.25 -6.65
CA MET A 216 17.24 1.07 -7.58
C MET A 216 18.20 1.73 -8.56
N GLY A 217 18.15 1.28 -9.81
CA GLY A 217 19.02 1.82 -10.83
C GLY A 217 18.76 3.28 -11.09
N ALA A 218 19.70 3.93 -11.77
CA ALA A 218 19.53 5.35 -12.08
C ALA A 218 18.25 5.54 -12.89
N HIS A 219 17.49 6.56 -12.51
CA HIS A 219 16.23 6.91 -13.18
C HIS A 219 15.09 5.92 -13.02
N CYS A 220 15.19 5.04 -12.03
CA CYS A 220 14.15 4.04 -11.78
C CYS A 220 12.97 4.64 -11.02
N PRO A 221 11.78 4.70 -11.65
CA PRO A 221 10.63 5.25 -10.94
C PRO A 221 10.52 4.44 -9.65
N GLN A 222 10.38 5.14 -8.54
CA GLN A 222 10.33 4.48 -7.23
C GLN A 222 9.38 5.22 -6.30
N TRP A 223 8.56 4.45 -5.60
CA TRP A 223 7.59 4.99 -4.65
C TRP A 223 7.40 4.01 -3.49
N TYR A 224 6.94 4.51 -2.35
CA TYR A 224 6.71 3.65 -1.19
C TYR A 224 5.54 4.09 -0.32
N GLY A 225 4.84 3.10 0.24
CA GLY A 225 3.70 3.34 1.12
C GLY A 225 3.87 2.45 2.34
N ALA A 226 3.75 3.01 3.54
CA ALA A 226 3.92 2.23 4.76
C ALA A 226 2.64 1.66 5.32
N LEU A 227 2.67 0.37 5.62
CA LEU A 227 1.52 -0.34 6.17
C LEU A 227 1.79 -0.90 7.58
N GLY A 228 0.75 -1.43 8.21
CA GLY A 228 0.92 -1.99 9.54
C GLY A 228 0.71 -0.97 10.65
N ARG A 229 1.01 -1.38 11.88
CA ARG A 229 0.85 -0.53 13.04
C ARG A 229 2.12 0.22 13.42
N ASN A 230 3.25 -0.24 12.92
CA ASN A 230 4.52 0.40 13.22
C ASN A 230 4.99 1.36 12.13
N TRP A 231 5.89 2.27 12.49
CA TRP A 231 6.47 3.22 11.56
C TRP A 231 7.47 2.47 10.71
N SER A 232 7.59 2.85 9.44
CA SER A 232 8.58 2.20 8.59
C SER A 232 9.84 3.06 8.62
N LYS A 233 10.99 2.41 8.49
CA LYS A 233 12.25 3.12 8.47
C LYS A 233 13.21 2.34 7.59
N TYR A 234 13.84 3.04 6.65
CA TYR A 234 14.80 2.38 5.81
C TYR A 234 16.01 3.28 5.64
N LEU A 235 17.16 2.60 5.58
CA LEU A 235 18.47 3.21 5.43
C LEU A 235 18.65 3.37 3.93
N LEU A 236 19.18 4.50 3.49
CA LEU A 236 19.34 4.76 2.06
C LEU A 236 20.68 5.37 1.64
N TYR A 237 21.27 4.81 0.59
CA TYR A 237 22.52 5.30 0.01
C TYR A 237 22.20 5.89 -1.36
N LYS A 238 22.94 6.92 -1.75
CA LYS A 238 22.78 7.56 -3.06
C LYS A 238 24.02 8.42 -3.39
N ASP A 239 24.65 8.14 -4.53
CA ASP A 239 25.81 8.91 -4.95
C ASP A 239 25.39 10.38 -5.04
N MET A 240 26.33 11.31 -4.86
CA MET A 240 26.00 12.73 -4.88
C MET A 240 27.16 13.64 -5.24
N ASN A 241 26.82 14.89 -5.56
CA ASN A 241 27.78 15.96 -5.86
C ASN A 241 28.84 15.80 -6.93
N ARG A 242 28.66 14.91 -7.90
CA ARG A 242 29.67 14.77 -8.94
C ARG A 242 28.98 14.86 -10.30
N HIS A 243 29.61 15.54 -11.26
CA HIS A 243 29.02 15.67 -12.59
C HIS A 243 28.88 14.29 -13.22
N PRO A 244 27.70 13.97 -13.76
CA PRO A 244 27.44 12.67 -14.38
C PRO A 244 28.34 12.27 -15.58
N LEU A 245 29.30 13.13 -15.93
CA LEU A 245 30.20 12.85 -17.05
C LEU A 245 31.68 12.71 -16.59
N MET B 1 -5.21 15.47 -17.72
CA MET B 1 -4.52 14.63 -18.69
C MET B 1 -5.40 13.52 -19.29
N LYS B 2 -6.63 13.43 -18.80
CA LYS B 2 -7.58 12.42 -19.25
C LYS B 2 -7.95 12.51 -20.73
N HIS B 3 -7.79 13.69 -21.31
CA HIS B 3 -8.15 13.88 -22.71
C HIS B 3 -7.22 13.22 -23.73
N LEU B 4 -6.14 12.61 -23.26
CA LEU B 4 -5.22 11.91 -24.16
C LEU B 4 -5.26 10.41 -23.86
N GLY B 5 -6.30 9.99 -23.14
CA GLY B 5 -6.46 8.58 -22.82
C GLY B 5 -5.96 8.05 -21.48
N GLN B 6 -5.51 8.93 -20.59
CA GLN B 6 -5.01 8.48 -19.28
C GLN B 6 -6.13 8.33 -18.26
N THR B 7 -6.12 7.21 -17.53
CA THR B 7 -7.13 6.94 -16.48
C THR B 7 -6.60 5.86 -15.55
N ARG B 8 -7.20 5.75 -14.37
CA ARG B 8 -6.80 4.73 -13.42
C ARG B 8 -7.73 3.54 -13.58
N SER B 9 -8.60 3.59 -14.59
CA SER B 9 -9.53 2.50 -14.82
C SER B 9 -8.85 1.37 -15.58
N ALA B 10 -9.43 0.18 -15.49
CA ALA B 10 -8.90 -0.99 -16.18
C ALA B 10 -9.94 -2.10 -16.22
N LEU B 11 -10.05 -2.77 -17.36
CA LEU B 11 -11.02 -3.85 -17.51
C LEU B 11 -10.29 -5.16 -17.67
N HIS B 12 -10.83 -6.23 -17.07
CA HIS B 12 -10.26 -7.56 -17.17
C HIS B 12 -11.30 -8.67 -17.16
N GLY B 13 -10.86 -9.90 -17.45
CA GLY B 13 -11.75 -11.03 -17.49
C GLY B 13 -12.44 -11.27 -16.17
N SER B 14 -11.71 -11.09 -15.07
CA SER B 14 -12.28 -11.33 -13.75
C SER B 14 -12.28 -10.14 -12.78
N HIS B 15 -11.94 -8.95 -13.27
CA HIS B 15 -11.97 -7.78 -12.39
C HIS B 15 -11.93 -6.45 -13.15
N ALA B 16 -12.40 -5.39 -12.51
CA ALA B 16 -12.41 -4.07 -13.12
C ALA B 16 -12.40 -2.94 -12.08
N VAL B 17 -11.61 -1.92 -12.38
CA VAL B 17 -11.48 -0.72 -11.55
C VAL B 17 -12.14 0.35 -12.41
N ILE B 18 -13.24 0.91 -11.90
CA ILE B 18 -14.01 1.93 -12.63
C ILE B 18 -13.95 3.30 -11.92
N THR B 19 -13.32 4.27 -12.56
CA THR B 19 -13.18 5.60 -11.97
C THR B 19 -14.19 6.64 -12.49
N PRO B 20 -14.55 7.62 -11.64
CA PRO B 20 -15.50 8.72 -11.88
C PRO B 20 -15.40 9.49 -13.19
N GLU B 21 -14.18 9.69 -13.68
CA GLU B 21 -13.96 10.42 -14.92
C GLU B 21 -14.40 9.64 -16.16
N THR B 22 -14.66 8.34 -15.99
CA THR B 22 -15.09 7.48 -17.10
C THR B 22 -16.59 7.22 -17.10
N PHE B 23 -17.30 7.75 -16.11
CA PHE B 23 -18.75 7.55 -16.02
C PHE B 23 -19.54 8.05 -17.22
N VAL B 24 -20.57 7.31 -17.57
CA VAL B 24 -21.47 7.65 -18.67
C VAL B 24 -22.90 7.66 -18.13
N ARG B 25 -23.57 8.81 -18.24
CA ARG B 25 -24.95 8.93 -17.77
C ARG B 25 -25.98 8.32 -18.73
N THR B 26 -26.93 7.58 -18.16
CA THR B 26 -28.00 6.97 -18.95
C THR B 26 -29.32 7.09 -18.17
N ALA B 27 -30.38 6.45 -18.64
CA ALA B 27 -31.66 6.55 -17.93
C ALA B 27 -32.35 5.21 -17.76
N LEU B 28 -33.20 5.13 -16.74
CA LEU B 28 -33.97 3.93 -16.46
C LEU B 28 -35.43 4.33 -16.33
N ALA B 29 -36.31 3.49 -16.85
CA ALA B 29 -37.76 3.72 -16.82
C ALA B 29 -38.29 4.18 -15.46
N GLU B 30 -37.94 3.45 -14.40
CA GLU B 30 -38.41 3.80 -13.05
C GLU B 30 -37.72 5.00 -12.42
N TRP B 31 -36.70 5.55 -13.08
CA TRP B 31 -35.99 6.72 -12.52
C TRP B 31 -36.13 7.97 -13.38
N PRO B 32 -37.38 8.34 -13.73
CA PRO B 32 -37.61 9.53 -14.55
C PRO B 32 -36.99 10.79 -13.94
N GLY B 33 -36.38 11.62 -14.78
CA GLY B 33 -35.77 12.84 -14.31
C GLY B 33 -34.41 12.66 -13.66
N SER B 34 -33.99 11.41 -13.46
CA SER B 34 -32.71 11.13 -12.84
C SER B 34 -31.69 10.58 -13.83
N ALA B 35 -30.41 10.75 -13.51
CA ALA B 35 -29.34 10.24 -14.35
C ALA B 35 -28.81 8.96 -13.69
N ILE B 36 -28.65 7.92 -14.50
CA ILE B 36 -28.19 6.65 -13.99
C ILE B 36 -26.81 6.26 -14.54
N VAL B 37 -25.91 5.89 -13.65
CA VAL B 37 -24.58 5.47 -14.06
C VAL B 37 -24.46 3.98 -13.78
N LEU B 38 -24.79 3.15 -14.76
CA LEU B 38 -24.71 1.70 -14.61
C LEU B 38 -23.25 1.25 -14.57
N HIS B 39 -22.74 1.11 -13.36
CA HIS B 39 -21.36 0.71 -13.11
C HIS B 39 -21.08 -0.74 -13.45
N ILE B 40 -21.86 -1.62 -12.86
CA ILE B 40 -21.68 -3.05 -13.07
C ILE B 40 -23.00 -3.62 -13.54
N ALA B 41 -22.92 -4.46 -14.57
CA ALA B 41 -24.07 -5.11 -15.15
C ALA B 41 -23.66 -6.54 -15.42
N PRO B 42 -24.63 -7.43 -15.66
CA PRO B 42 -24.33 -8.85 -15.94
C PRO B 42 -23.40 -9.09 -17.12
N VAL B 43 -23.17 -8.05 -17.94
CA VAL B 43 -22.31 -8.17 -19.12
C VAL B 43 -20.83 -7.82 -18.92
N VAL B 44 -20.43 -7.47 -17.70
CA VAL B 44 -19.02 -7.12 -17.42
C VAL B 44 -18.09 -8.32 -17.56
N GLY B 45 -17.07 -8.19 -18.40
CA GLY B 45 -16.11 -9.26 -18.62
C GLY B 45 -16.69 -10.66 -18.72
N LEU B 46 -16.45 -11.48 -17.70
CA LEU B 46 -16.95 -12.86 -17.67
C LEU B 46 -18.39 -12.97 -17.16
N GLY B 47 -18.94 -11.88 -16.62
CA GLY B 47 -20.31 -11.91 -16.14
C GLY B 47 -20.59 -11.48 -14.72
N ALA B 48 -21.79 -10.97 -14.50
CA ALA B 48 -22.27 -10.52 -13.20
C ALA B 48 -23.73 -10.99 -13.11
N ARG B 49 -24.22 -11.24 -11.90
CA ARG B 49 -25.61 -11.73 -11.73
C ARG B 49 -26.54 -10.72 -11.04
N PHE B 50 -26.13 -9.46 -11.07
CA PHE B 50 -26.87 -8.37 -10.45
C PHE B 50 -26.51 -7.09 -11.21
N VAL B 51 -26.90 -5.94 -10.66
CA VAL B 51 -26.54 -4.65 -11.26
C VAL B 51 -26.23 -3.68 -10.15
N GLN B 52 -25.18 -2.89 -10.36
CA GLN B 52 -24.81 -1.87 -9.41
C GLN B 52 -24.72 -0.58 -10.18
N PHE B 53 -25.33 0.46 -9.64
CA PHE B 53 -25.30 1.75 -10.30
C PHE B 53 -25.59 2.81 -9.28
N THR B 54 -25.36 4.07 -9.64
CA THR B 54 -25.66 5.16 -8.74
C THR B 54 -26.68 6.02 -9.46
N ALA B 55 -27.58 6.63 -8.70
CA ALA B 55 -28.57 7.49 -9.31
C ALA B 55 -28.31 8.89 -8.77
N GLU B 56 -28.19 9.83 -9.70
CA GLU B 56 -27.95 11.22 -9.35
C GLU B 56 -29.29 11.88 -9.51
N MET B 57 -30.00 11.99 -8.41
CA MET B 57 -31.34 12.55 -8.39
C MET B 57 -31.43 14.03 -8.11
N PRO B 58 -32.09 14.79 -9.00
CA PRO B 58 -32.23 16.22 -8.81
C PRO B 58 -33.36 16.42 -7.81
N ALA B 59 -33.26 17.44 -6.95
CA ALA B 59 -34.31 17.69 -5.98
C ALA B 59 -35.66 17.69 -6.71
N GLY B 60 -36.58 16.86 -6.24
CA GLY B 60 -37.90 16.78 -6.85
C GLY B 60 -38.12 15.51 -7.66
N ALA B 61 -37.03 14.90 -8.10
CA ALA B 61 -37.11 13.67 -8.89
C ALA B 61 -37.73 12.55 -8.07
N GLN B 62 -38.49 11.70 -8.74
CA GLN B 62 -39.15 10.58 -8.09
C GLN B 62 -38.91 9.30 -8.88
N ALA B 63 -38.62 8.23 -8.15
CA ALA B 63 -38.37 6.93 -8.75
C ALA B 63 -39.28 5.91 -8.09
N THR B 64 -39.79 4.97 -8.88
CA THR B 64 -40.67 3.95 -8.33
C THR B 64 -40.00 2.58 -8.39
N GLU B 65 -40.72 1.55 -7.97
CA GLU B 65 -40.19 0.18 -7.97
C GLU B 65 -39.88 -0.42 -9.32
N SER B 66 -38.99 -1.40 -9.28
CA SER B 66 -38.61 -2.17 -10.46
C SER B 66 -39.12 -3.55 -10.06
N VAL B 67 -38.91 -4.55 -10.91
CA VAL B 67 -39.38 -5.90 -10.59
C VAL B 67 -38.40 -6.62 -9.68
N TYR B 68 -37.23 -6.05 -9.46
CA TYR B 68 -36.23 -6.69 -8.62
C TYR B 68 -36.12 -6.14 -7.20
N GLN B 69 -35.24 -6.79 -6.43
CA GLN B 69 -34.94 -6.38 -5.06
C GLN B 69 -34.14 -5.10 -5.24
N ARG B 70 -34.36 -4.12 -4.38
CA ARG B 70 -33.63 -2.88 -4.48
C ARG B 70 -33.02 -2.44 -3.16
N PHE B 71 -31.71 -2.26 -3.15
CA PHE B 71 -31.01 -1.82 -1.96
C PHE B 71 -30.44 -0.45 -2.27
N ALA B 72 -31.06 0.57 -1.67
CA ALA B 72 -30.65 1.94 -1.89
C ALA B 72 -29.83 2.46 -0.71
N PHE B 73 -28.67 3.04 -1.01
CA PHE B 73 -27.78 3.57 0.01
C PHE B 73 -27.46 5.01 -0.35
N VAL B 74 -27.80 5.94 0.54
CA VAL B 74 -27.57 7.36 0.28
C VAL B 74 -26.14 7.81 0.42
N LEU B 75 -25.60 8.37 -0.65
CA LEU B 75 -24.24 8.87 -0.67
C LEU B 75 -24.19 10.32 -0.22
N SER B 76 -25.18 11.10 -0.67
CA SER B 76 -25.27 12.52 -0.33
C SER B 76 -26.66 13.05 -0.64
N GLY B 77 -27.10 14.03 0.13
CA GLY B 77 -28.41 14.61 -0.07
C GLY B 77 -29.42 13.92 0.85
N GLU B 78 -30.69 14.12 0.56
CA GLU B 78 -31.78 13.54 1.35
C GLU B 78 -32.86 12.97 0.44
N VAL B 79 -33.25 11.73 0.70
CA VAL B 79 -34.26 11.08 -0.12
C VAL B 79 -35.40 10.52 0.72
N ASP B 80 -36.63 10.85 0.33
CA ASP B 80 -37.80 10.34 1.03
C ASP B 80 -38.17 8.99 0.42
N VAL B 81 -38.36 8.00 1.28
CA VAL B 81 -38.76 6.67 0.82
C VAL B 81 -40.17 6.43 1.35
N ALA B 82 -41.12 6.23 0.44
CA ALA B 82 -42.51 5.98 0.84
C ALA B 82 -42.84 4.54 0.58
N VAL B 83 -42.87 3.72 1.64
CA VAL B 83 -43.17 2.29 1.53
C VAL B 83 -44.17 1.88 2.61
N GLY B 84 -44.98 0.87 2.30
CA GLY B 84 -45.97 0.44 3.28
C GLY B 84 -46.86 1.64 3.52
N GLY B 85 -47.10 1.98 4.77
CA GLY B 85 -47.94 3.14 5.02
C GLY B 85 -47.14 4.31 5.55
N GLU B 86 -45.84 4.13 5.65
CA GLU B 86 -44.96 5.16 6.18
C GLU B 86 -43.97 5.72 5.18
N THR B 87 -43.38 6.87 5.52
CA THR B 87 -42.38 7.51 4.68
C THR B 87 -41.24 8.00 5.61
N ARG B 88 -40.00 7.84 5.17
CA ARG B 88 -38.85 8.25 5.97
C ARG B 88 -37.84 8.99 5.11
N THR B 89 -37.20 10.01 5.69
CA THR B 89 -36.20 10.75 4.94
C THR B 89 -34.90 10.02 5.16
N LEU B 90 -34.15 9.81 4.09
CA LEU B 90 -32.88 9.15 4.23
C LEU B 90 -31.79 10.14 3.86
N ARG B 91 -30.75 10.18 4.68
CA ARG B 91 -29.64 11.07 4.41
C ARG B 91 -28.37 10.23 4.32
N GLU B 92 -27.23 10.90 4.33
CA GLU B 92 -25.95 10.24 4.23
C GLU B 92 -25.84 8.97 5.07
N TYR B 93 -25.55 7.86 4.40
CA TYR B 93 -25.38 6.55 5.01
C TYR B 93 -26.62 5.87 5.57
N ASP B 94 -27.79 6.39 5.20
CA ASP B 94 -29.05 5.76 5.59
C ASP B 94 -29.32 4.86 4.38
N TYR B 95 -29.87 3.67 4.61
CA TYR B 95 -30.17 2.78 3.50
C TYR B 95 -31.47 2.03 3.72
N VAL B 96 -31.97 1.40 2.66
CA VAL B 96 -33.21 0.65 2.72
C VAL B 96 -33.18 -0.58 1.82
N TYR B 97 -33.65 -1.70 2.35
CA TYR B 97 -33.73 -2.91 1.56
C TYR B 97 -35.21 -3.07 1.20
N LEU B 98 -35.49 -3.18 -0.10
CA LEU B 98 -36.87 -3.32 -0.57
C LEU B 98 -37.11 -4.64 -1.31
N PRO B 99 -38.02 -5.48 -0.79
CA PRO B 99 -38.32 -6.77 -1.42
C PRO B 99 -38.68 -6.60 -2.91
N ALA B 100 -38.41 -7.61 -3.71
CA ALA B 100 -38.70 -7.56 -5.14
C ALA B 100 -40.19 -7.32 -5.44
N GLY B 101 -40.50 -6.17 -6.01
CA GLY B 101 -41.88 -5.87 -6.34
C GLY B 101 -42.54 -4.85 -5.42
N GLU B 102 -42.15 -4.86 -4.14
CA GLU B 102 -42.68 -3.92 -3.15
C GLU B 102 -42.88 -2.54 -3.73
N LYS B 103 -44.12 -2.05 -3.68
CA LYS B 103 -44.39 -0.71 -4.19
C LYS B 103 -43.78 0.32 -3.24
N HIS B 104 -43.14 1.32 -3.84
CA HIS B 104 -42.50 2.37 -3.07
C HIS B 104 -42.09 3.51 -3.99
N MET B 105 -41.75 4.66 -3.42
CA MET B 105 -41.31 5.80 -4.20
C MET B 105 -40.14 6.45 -3.47
N LEU B 106 -39.20 6.98 -4.24
CA LEU B 106 -38.03 7.63 -3.70
C LEU B 106 -38.10 9.05 -4.19
N THR B 107 -38.24 10.00 -3.29
CA THR B 107 -38.31 11.39 -3.68
C THR B 107 -37.11 12.11 -3.11
N ALA B 108 -36.43 12.88 -3.94
CA ALA B 108 -35.26 13.61 -3.50
C ALA B 108 -35.63 14.94 -2.86
N LYS B 109 -35.32 15.10 -1.57
CA LYS B 109 -35.63 16.34 -0.88
C LYS B 109 -34.65 17.40 -1.39
N THR B 110 -33.43 16.95 -1.67
CA THR B 110 -32.37 17.81 -2.18
C THR B 110 -31.64 17.04 -3.26
N ASP B 111 -30.76 17.72 -4.00
CA ASP B 111 -30.01 17.01 -5.03
C ASP B 111 -29.36 15.85 -4.28
N ALA B 112 -29.56 14.64 -4.78
CA ALA B 112 -29.03 13.47 -4.10
C ALA B 112 -28.29 12.50 -4.99
N ARG B 113 -27.47 11.68 -4.34
CA ARG B 113 -26.71 10.65 -5.03
C ARG B 113 -26.99 9.37 -4.25
N VAL B 114 -27.43 8.33 -4.96
CA VAL B 114 -27.77 7.07 -4.31
C VAL B 114 -27.08 5.86 -4.95
N SER B 115 -26.45 5.04 -4.12
CA SER B 115 -25.79 3.83 -4.59
C SER B 115 -26.87 2.78 -4.54
N VAL B 116 -27.12 2.12 -5.66
CA VAL B 116 -28.18 1.13 -5.75
C VAL B 116 -27.74 -0.26 -6.22
N PHE B 117 -28.20 -1.28 -5.50
CA PHE B 117 -27.92 -2.67 -5.85
C PHE B 117 -29.26 -3.33 -6.19
N GLU B 118 -29.40 -3.86 -7.40
CA GLU B 118 -30.65 -4.53 -7.76
C GLU B 118 -30.40 -5.94 -8.27
N LYS B 119 -31.37 -6.82 -8.03
CA LYS B 119 -31.25 -8.20 -8.47
C LYS B 119 -32.51 -8.98 -8.17
N PRO B 120 -32.74 -10.07 -8.93
CA PRO B 120 -33.91 -10.91 -8.74
C PRO B 120 -33.81 -11.59 -7.39
N TYR B 121 -34.86 -12.28 -6.97
CA TYR B 121 -34.82 -12.99 -5.70
C TYR B 121 -34.92 -14.49 -5.93
N GLN B 122 -33.98 -15.24 -5.36
CA GLN B 122 -33.96 -16.70 -5.48
C GLN B 122 -34.69 -17.26 -4.26
N THR B 123 -35.86 -17.84 -4.46
CA THR B 123 -36.64 -18.39 -3.37
C THR B 123 -36.19 -19.78 -2.97
N VAL B 124 -36.27 -20.07 -1.67
CA VAL B 124 -35.96 -21.39 -1.14
C VAL B 124 -37.39 -21.89 -0.85
N GLU B 125 -37.58 -23.19 -0.71
CA GLU B 125 -38.93 -23.67 -0.47
C GLU B 125 -39.60 -23.23 0.83
N GLY B 126 -39.07 -23.66 1.97
CA GLY B 126 -39.67 -23.28 3.25
C GLY B 126 -39.20 -21.97 3.83
N VAL B 127 -38.78 -21.04 2.97
CA VAL B 127 -38.27 -19.75 3.42
C VAL B 127 -39.08 -18.60 2.85
N GLN B 128 -39.66 -17.80 3.72
CA GLN B 128 -40.46 -16.66 3.28
C GLN B 128 -39.52 -15.48 3.01
N ALA B 129 -39.71 -14.82 1.88
CA ALA B 129 -38.87 -13.69 1.52
C ALA B 129 -38.91 -12.63 2.62
N PRO B 130 -37.74 -12.06 2.95
CA PRO B 130 -37.64 -11.04 4.00
C PRO B 130 -38.37 -9.75 3.62
N GLY B 131 -38.80 -9.00 4.62
CA GLY B 131 -39.52 -7.76 4.37
C GLY B 131 -38.62 -6.54 4.34
N VAL B 132 -39.22 -5.36 4.23
CA VAL B 132 -38.46 -4.13 4.20
C VAL B 132 -37.55 -4.05 5.43
N TYR B 133 -36.37 -3.46 5.26
CA TYR B 133 -35.42 -3.32 6.34
C TYR B 133 -34.68 -1.99 6.24
N TRP B 134 -34.54 -1.28 7.35
CA TRP B 134 -33.86 0.01 7.35
C TRP B 134 -32.64 0.00 8.25
N GLY B 135 -31.71 0.91 7.97
CA GLY B 135 -30.51 1.00 8.76
C GLY B 135 -29.66 2.19 8.36
N ASN B 136 -28.64 2.46 9.16
CA ASN B 136 -27.70 3.56 8.94
C ASN B 136 -26.32 2.99 9.24
N GLU B 137 -25.42 3.09 8.27
CA GLU B 137 -24.08 2.58 8.40
C GLU B 137 -23.40 2.93 9.72
N ARG B 138 -23.49 4.19 10.13
CA ARG B 138 -22.85 4.62 11.36
C ARG B 138 -23.48 4.04 12.64
N GLU B 139 -24.78 3.77 12.63
CA GLU B 139 -25.46 3.20 13.80
C GLU B 139 -24.76 1.91 14.17
N ASN B 140 -24.56 1.07 13.16
CA ASN B 140 -23.93 -0.24 13.26
C ASN B 140 -22.49 -0.18 13.78
N PRO B 141 -22.26 -0.54 15.06
CA PRO B 141 -20.90 -0.50 15.58
C PRO B 141 -20.28 -1.86 15.29
N GLY B 142 -19.76 -2.01 14.07
CA GLY B 142 -19.19 -3.28 13.64
C GLY B 142 -18.33 -4.08 14.59
N TYR B 143 -17.68 -5.10 14.04
CA TYR B 143 -16.80 -5.96 14.82
C TYR B 143 -15.40 -5.97 14.21
N PRO B 144 -14.35 -6.14 15.04
CA PRO B 144 -12.99 -6.16 14.47
C PRO B 144 -12.90 -7.42 13.62
N PHE B 145 -12.61 -7.25 12.33
CA PHE B 145 -12.58 -8.38 11.42
C PHE B 145 -11.98 -9.65 11.99
N GLU B 146 -10.67 -9.83 11.84
CA GLU B 146 -10.05 -11.04 12.34
C GLU B 146 -9.57 -10.82 13.77
N GLY B 147 -10.30 -9.98 14.50
CA GLY B 147 -9.93 -9.66 15.87
C GLY B 147 -9.05 -8.40 15.86
N ASP B 148 -8.95 -7.78 14.69
CA ASP B 148 -8.14 -6.58 14.48
C ASP B 148 -9.03 -5.35 14.56
N ASP B 149 -8.84 -4.52 15.60
CA ASP B 149 -9.65 -3.33 15.79
C ASP B 149 -9.37 -2.16 14.82
N HIS B 150 -8.49 -2.39 13.84
CA HIS B 150 -8.18 -1.37 12.84
C HIS B 150 -8.85 -1.77 11.53
N LEU B 151 -9.63 -2.85 11.59
CA LEU B 151 -10.36 -3.38 10.44
C LEU B 151 -11.78 -3.71 10.91
N ILE B 152 -12.67 -2.72 10.86
CA ILE B 152 -14.04 -2.93 11.31
C ILE B 152 -15.03 -3.27 10.20
N ALA B 153 -15.70 -4.41 10.34
CA ALA B 153 -16.69 -4.85 9.37
C ALA B 153 -18.08 -4.59 9.93
N ARG B 154 -18.97 -4.05 9.11
CA ARG B 154 -20.33 -3.77 9.51
C ARG B 154 -21.32 -4.42 8.54
N LYS B 155 -22.03 -5.45 8.97
CA LYS B 155 -23.03 -6.11 8.13
C LYS B 155 -24.25 -5.20 8.13
N LEU B 156 -24.69 -4.76 6.95
CA LEU B 156 -25.83 -3.85 6.86
C LEU B 156 -27.19 -4.54 6.73
N LEU B 157 -27.18 -5.80 6.30
CA LEU B 157 -28.41 -6.56 6.17
C LEU B 157 -28.32 -7.74 7.12
N PRO B 158 -29.45 -8.14 7.71
CA PRO B 158 -29.38 -9.28 8.63
C PRO B 158 -28.77 -10.52 7.94
N ASP B 159 -27.94 -11.23 8.69
CA ASP B 159 -27.27 -12.40 8.16
C ASP B 159 -28.09 -13.66 8.36
N GLU B 160 -29.23 -13.72 7.70
CA GLU B 160 -30.13 -14.87 7.80
C GLU B 160 -30.27 -15.53 6.43
N PRO B 161 -30.50 -16.86 6.43
CA PRO B 161 -30.66 -17.62 5.19
C PRO B 161 -31.78 -17.14 4.26
N ALA B 162 -32.70 -16.32 4.76
CA ALA B 162 -33.79 -15.83 3.92
C ALA B 162 -33.28 -14.89 2.84
N PHE B 163 -32.28 -14.08 3.18
CA PHE B 163 -31.72 -13.13 2.24
C PHE B 163 -30.91 -13.74 1.11
N ASP B 164 -31.08 -13.14 -0.07
CA ASP B 164 -30.45 -13.51 -1.32
C ASP B 164 -28.99 -13.03 -1.39
N PHE B 165 -28.70 -11.96 -0.65
CA PHE B 165 -27.36 -11.40 -0.63
C PHE B 165 -27.07 -10.66 0.67
N MET B 166 -25.93 -9.98 0.71
CA MET B 166 -25.50 -9.21 1.86
C MET B 166 -24.79 -7.96 1.38
N VAL B 167 -24.92 -6.87 2.15
CA VAL B 167 -24.24 -5.63 1.84
C VAL B 167 -23.49 -5.32 3.13
N SER B 168 -22.28 -4.82 3.03
CA SER B 168 -21.51 -4.49 4.23
C SER B 168 -20.44 -3.41 3.98
N THR B 169 -19.83 -2.91 5.06
CA THR B 169 -18.77 -1.92 4.93
C THR B 169 -17.52 -2.40 5.63
N MET B 170 -16.39 -2.19 4.99
CA MET B 170 -15.09 -2.57 5.55
C MET B 170 -14.36 -1.25 5.75
N SER B 171 -13.95 -0.99 7.00
CA SER B 171 -13.26 0.23 7.35
C SER B 171 -11.83 -0.05 7.78
N PHE B 172 -10.89 0.75 7.27
CA PHE B 172 -9.48 0.56 7.58
C PHE B 172 -8.83 1.80 8.18
N ALA B 173 -8.03 1.61 9.21
CA ALA B 173 -7.29 2.71 9.81
C ALA B 173 -6.14 2.94 8.85
N PRO B 174 -5.59 4.16 8.78
CA PRO B 174 -4.49 4.43 7.86
C PRO B 174 -3.50 3.31 7.51
N GLY B 175 -3.04 2.50 8.44
CA GLY B 175 -2.10 1.48 8.01
C GLY B 175 -2.63 0.05 7.86
N ALA B 176 -3.92 -0.12 8.12
CA ALA B 176 -4.55 -1.43 8.06
C ALA B 176 -4.65 -2.06 6.68
N SER B 177 -4.92 -3.36 6.67
CA SER B 177 -5.06 -4.12 5.43
C SER B 177 -5.78 -5.42 5.73
N LEU B 178 -6.33 -6.07 4.71
CA LEU B 178 -6.98 -7.36 4.91
C LEU B 178 -5.83 -8.27 5.38
N PRO B 179 -6.11 -9.23 6.29
CA PRO B 179 -5.08 -10.16 6.79
C PRO B 179 -4.51 -11.14 5.77
N TYR B 180 -5.27 -11.44 4.73
CA TYR B 180 -4.83 -12.36 3.69
C TYR B 180 -5.58 -12.03 2.39
N ALA B 181 -5.08 -12.50 1.26
CA ALA B 181 -5.76 -12.24 -0.01
C ALA B 181 -6.96 -13.18 -0.04
N GLU B 182 -8.14 -12.67 -0.38
CA GLU B 182 -9.35 -13.49 -0.42
C GLU B 182 -9.65 -14.05 -1.79
N VAL B 183 -10.15 -15.28 -1.81
CA VAL B 183 -10.53 -15.95 -3.04
C VAL B 183 -11.78 -16.75 -2.73
N HIS B 184 -12.90 -16.39 -3.35
CA HIS B 184 -14.18 -17.06 -3.14
C HIS B 184 -15.07 -17.02 -4.38
N TYR B 185 -16.03 -17.93 -4.47
CA TYR B 185 -16.95 -18.03 -5.62
C TYR B 185 -17.84 -16.80 -5.84
N MET B 186 -18.36 -16.23 -4.76
CA MET B 186 -19.23 -15.06 -4.82
C MET B 186 -18.53 -13.85 -5.45
N GLU B 187 -19.23 -13.16 -6.34
CA GLU B 187 -18.66 -11.97 -6.98
C GLU B 187 -18.77 -10.76 -6.06
N HIS B 188 -18.13 -9.67 -6.46
CA HIS B 188 -18.16 -8.48 -5.63
C HIS B 188 -18.51 -7.18 -6.35
N GLY B 189 -19.28 -6.36 -5.65
CA GLY B 189 -19.68 -5.06 -6.13
C GLY B 189 -19.08 -4.14 -5.09
N LEU B 190 -18.10 -3.34 -5.49
CA LEU B 190 -17.42 -2.47 -4.53
C LEU B 190 -17.52 -0.98 -4.85
N LEU B 191 -17.76 -0.18 -3.82
CA LEU B 191 -17.83 1.26 -3.96
C LEU B 191 -16.99 1.86 -2.83
N MET B 192 -15.98 2.64 -3.19
CA MET B 192 -15.12 3.29 -2.22
C MET B 192 -15.92 4.48 -1.65
N LEU B 193 -16.13 4.48 -0.34
CA LEU B 193 -16.88 5.56 0.29
C LEU B 193 -15.98 6.62 0.89
N GLU B 194 -14.92 6.18 1.55
CA GLU B 194 -13.97 7.07 2.21
C GLU B 194 -12.52 6.59 2.05
N GLY B 195 -11.58 7.51 2.22
CA GLY B 195 -10.17 7.18 2.15
C GLY B 195 -9.53 6.88 0.80
N GLU B 196 -8.43 6.13 0.84
CA GLU B 196 -7.69 5.77 -0.36
C GLU B 196 -6.64 4.71 -0.07
N GLY B 197 -6.11 4.07 -1.11
CA GLY B 197 -5.09 3.06 -0.89
C GLY B 197 -4.74 2.25 -2.11
N LEU B 198 -4.32 1.01 -1.89
CA LEU B 198 -3.95 0.14 -3.00
C LEU B 198 -4.75 -1.15 -2.96
N TYR B 199 -5.45 -1.44 -4.05
CA TYR B 199 -6.25 -2.64 -4.12
C TYR B 199 -5.56 -3.63 -5.05
N LYS B 200 -5.28 -4.83 -4.54
CA LYS B 200 -4.65 -5.84 -5.35
C LYS B 200 -5.76 -6.73 -5.93
N LEU B 201 -5.79 -6.84 -7.25
CA LEU B 201 -6.79 -7.67 -7.92
C LEU B 201 -5.97 -8.60 -8.79
N GLU B 202 -6.04 -9.89 -8.50
CA GLU B 202 -5.27 -10.88 -9.23
C GLU B 202 -3.79 -10.58 -9.02
N GLU B 203 -3.09 -10.21 -10.08
CA GLU B 203 -1.65 -9.95 -9.99
C GLU B 203 -1.23 -8.49 -9.89
N ASN B 204 -2.17 -7.57 -10.06
CA ASN B 204 -1.83 -6.16 -10.02
C ASN B 204 -2.28 -5.39 -8.78
N TYR B 205 -1.63 -4.25 -8.56
CA TYR B 205 -1.98 -3.35 -7.46
C TYR B 205 -2.54 -2.10 -8.11
N TYR B 206 -3.69 -1.63 -7.61
CA TYR B 206 -4.33 -0.45 -8.16
C TYR B 206 -4.55 0.64 -7.12
N PRO B 207 -4.10 1.87 -7.41
CA PRO B 207 -4.31 2.95 -6.45
C PRO B 207 -5.75 3.39 -6.64
N VAL B 208 -6.51 3.48 -5.54
CA VAL B 208 -7.91 3.87 -5.61
C VAL B 208 -8.28 4.86 -4.50
N THR B 209 -9.40 5.56 -4.67
CA THR B 209 -9.93 6.55 -3.71
C THR B 209 -11.45 6.53 -3.67
N ALA B 210 -11.98 7.28 -2.72
CA ALA B 210 -13.42 7.42 -2.56
C ALA B 210 -13.95 7.80 -3.93
N GLY B 211 -15.04 7.16 -4.35
CA GLY B 211 -15.62 7.42 -5.65
C GLY B 211 -15.49 6.25 -6.60
N ASP B 212 -14.35 5.57 -6.51
CA ASP B 212 -14.04 4.42 -7.35
C ASP B 212 -14.94 3.20 -7.14
N ILE B 213 -15.32 2.57 -8.25
CA ILE B 213 -16.14 1.38 -8.20
C ILE B 213 -15.22 0.23 -8.62
N ILE B 214 -15.43 -0.95 -8.05
CA ILE B 214 -14.63 -2.10 -8.41
C ILE B 214 -15.47 -3.36 -8.56
N TRP B 215 -15.23 -4.07 -9.65
CA TRP B 215 -15.92 -5.31 -9.89
C TRP B 215 -14.91 -6.45 -9.75
N MET B 216 -15.23 -7.38 -8.86
CA MET B 216 -14.36 -8.52 -8.63
C MET B 216 -15.07 -9.78 -9.11
N GLY B 217 -14.46 -10.46 -10.06
CA GLY B 217 -15.04 -11.68 -10.59
C GLY B 217 -14.88 -12.84 -9.64
N ALA B 218 -15.72 -13.85 -9.79
CA ALA B 218 -15.65 -15.02 -8.94
C ALA B 218 -14.23 -15.58 -8.90
N HIS B 219 -13.77 -15.87 -7.69
CA HIS B 219 -12.43 -16.42 -7.45
C HIS B 219 -11.32 -15.44 -7.81
N CYS B 220 -11.64 -14.15 -7.78
CA CYS B 220 -10.63 -13.16 -8.09
C CYS B 220 -9.86 -12.85 -6.81
N PRO B 221 -8.57 -13.21 -6.77
CA PRO B 221 -7.74 -12.95 -5.58
C PRO B 221 -7.84 -11.46 -5.27
N GLN B 222 -8.18 -11.11 -4.03
CA GLN B 222 -8.32 -9.71 -3.67
C GLN B 222 -7.74 -9.37 -2.30
N TRP B 223 -7.20 -8.15 -2.20
CA TRP B 223 -6.59 -7.64 -0.99
C TRP B 223 -6.59 -6.11 -1.03
N TYR B 224 -6.56 -5.50 0.15
CA TYR B 224 -6.55 -4.04 0.23
C TYR B 224 -5.68 -3.49 1.36
N GLY B 225 -5.02 -2.38 1.07
CA GLY B 225 -4.16 -1.73 2.05
C GLY B 225 -4.56 -0.26 2.08
N ALA B 226 -4.91 0.24 3.26
CA ALA B 226 -5.33 1.63 3.41
C ALA B 226 -4.15 2.58 3.60
N LEU B 227 -4.18 3.70 2.89
CA LEU B 227 -3.12 4.70 2.98
C LEU B 227 -3.67 6.09 3.29
N GLY B 228 -2.77 7.06 3.46
CA GLY B 228 -3.20 8.42 3.76
C GLY B 228 -3.44 8.67 5.23
N ARG B 229 -4.06 9.80 5.55
CA ARG B 229 -4.32 10.13 6.95
C ARG B 229 -5.70 9.74 7.44
N ASN B 230 -6.64 9.56 6.51
CA ASN B 230 -8.00 9.20 6.89
C ASN B 230 -8.26 7.69 6.77
N TRP B 231 -9.32 7.24 7.42
CA TRP B 231 -9.67 5.83 7.36
C TRP B 231 -10.26 5.57 5.99
N SER B 232 -10.17 4.33 5.54
CA SER B 232 -10.77 3.97 4.27
C SER B 232 -12.06 3.26 4.65
N LYS B 233 -13.03 3.30 3.75
CA LYS B 233 -14.29 2.62 3.99
C LYS B 233 -14.91 2.34 2.64
N TYR B 234 -15.35 1.09 2.43
CA TYR B 234 -16.00 0.78 1.18
C TYR B 234 -17.26 -0.05 1.38
N LEU B 235 -18.26 0.24 0.54
CA LEU B 235 -19.54 -0.47 0.54
C LEU B 235 -19.29 -1.72 -0.28
N LEU B 236 -19.72 -2.87 0.23
CA LEU B 236 -19.50 -4.13 -0.46
C LEU B 236 -20.79 -4.91 -0.73
N TYR B 237 -20.87 -5.52 -1.90
CA TYR B 237 -22.03 -6.31 -2.26
C TYR B 237 -21.59 -7.73 -2.63
N LYS B 238 -22.39 -8.73 -2.27
CA LYS B 238 -22.06 -10.12 -2.59
C LYS B 238 -23.25 -11.04 -2.35
N ASP B 239 -23.59 -11.85 -3.35
CA ASP B 239 -24.69 -12.80 -3.22
C ASP B 239 -24.34 -13.77 -2.10
N MET B 240 -25.36 -14.30 -1.42
CA MET B 240 -25.15 -15.22 -0.31
C MET B 240 -26.32 -16.19 -0.09
N ASN B 241 -26.06 -17.21 0.71
CA ASN B 241 -27.08 -18.18 1.10
C ASN B 241 -27.81 -19.01 0.04
N ARG B 242 -27.27 -19.13 -1.16
CA ARG B 242 -27.90 -19.96 -2.19
C ARG B 242 -26.88 -20.95 -2.71
N HIS B 243 -27.32 -22.18 -3.00
CA HIS B 243 -26.42 -23.21 -3.54
C HIS B 243 -26.04 -22.73 -4.95
N PRO B 244 -24.74 -22.78 -5.29
CA PRO B 244 -24.27 -22.34 -6.61
C PRO B 244 -24.83 -23.06 -7.82
N LEU B 245 -25.35 -24.26 -7.64
CA LEU B 245 -25.91 -25.03 -8.76
C LEU B 245 -27.38 -24.71 -9.05
#